data_9N2A
#
_entry.id   9N2A
#
_cell.length_a   112.089
_cell.length_b   112.089
_cell.length_c   67.255
_cell.angle_alpha   90.000
_cell.angle_beta   90.000
_cell.angle_gamma   120.000
#
_symmetry.space_group_name_H-M   'P 32 2 1'
#
loop_
_entity.id
_entity.type
_entity.pdbx_description
1 polymer HrmI
2 non-polymer 'FE (II) ION'
3 non-polymer LYSINE
4 non-polymer GLYCEROL
5 water water
#
_entity_poly.entity_id   1
_entity_poly.type   'polypeptide(L)'
_entity_poly.pdbx_seq_one_letter_code
;MIPESFKIDRSVVEEFLALDPDAWERLNADYTARRRIGEACRALSRHAFVEEDPSALEELHDVLALIYQQDFSGAPVELL
GCETQPVLRDIAAILEGAVLAAELDSISEEQISAYPRSGKEYVHWLKRVIGEHPAAGHPFYRDFVPTRATEGDFRFYLAQ
ETNLDPKFDDILAFMQIGAAPDEKMEIAGNYWDEMGNGKPAEVHTAMFAHALDALDVNDDYIRRNLLPEAKASGNLASCL
AISRRHYYKSVGFFGVTEYLVPRRFKLVVDRWADIGLPREGIAYHDAHISIDAVHASGWFKNVIAPAVDRDPRVGREIAV
GALIRLNSSQRYLDSLLMHLHHDSAAHTSENLYFQSHHHHHH
;
_entity_poly.pdbx_strand_id   A
#
# COMPACT_ATOMS: atom_id res chain seq x y z
N PHE A 6 2.85 11.37 -28.76
CA PHE A 6 2.05 10.28 -28.19
C PHE A 6 1.97 10.44 -26.68
N LYS A 7 0.75 10.48 -26.16
CA LYS A 7 0.48 10.59 -24.73
C LYS A 7 0.14 9.21 -24.19
N ILE A 8 0.41 9.01 -22.90
CA ILE A 8 0.00 7.78 -22.25
C ILE A 8 -0.93 8.13 -21.09
N ASP A 9 -1.95 7.30 -20.92
CA ASP A 9 -2.92 7.44 -19.83
C ASP A 9 -3.54 6.06 -19.59
N ARG A 10 -4.54 6.01 -18.71
CA ARG A 10 -5.15 4.73 -18.36
C ARG A 10 -5.80 4.06 -19.57
N SER A 11 -6.53 4.85 -20.36
CA SER A 11 -7.22 4.28 -21.52
C SER A 11 -6.22 3.71 -22.52
N VAL A 12 -5.06 4.35 -22.67
CA VAL A 12 -4.06 3.77 -23.56
C VAL A 12 -3.60 2.42 -23.04
N VAL A 13 -3.39 2.30 -21.73
CA VAL A 13 -2.95 1.01 -21.19
C VAL A 13 -4.10 0.01 -21.22
N GLU A 14 -5.35 0.46 -21.06
CA GLU A 14 -6.50 -0.41 -21.29
C GLU A 14 -6.47 -0.99 -22.69
N GLU A 15 -6.16 -0.17 -23.69
CA GLU A 15 -6.09 -0.64 -25.06
C GLU A 15 -5.02 -1.70 -25.21
N PHE A 16 -3.84 -1.45 -24.62
CA PHE A 16 -2.78 -2.45 -24.63
C PHE A 16 -3.29 -3.79 -24.10
N LEU A 17 -4.01 -3.75 -22.98
CA LEU A 17 -4.49 -4.97 -22.34
C LEU A 17 -5.61 -5.65 -23.12
N ALA A 18 -6.12 -5.01 -24.16
CA ALA A 18 -7.08 -5.60 -25.08
C ALA A 18 -6.40 -6.28 -26.27
N LEU A 19 -5.11 -6.08 -26.46
CA LEU A 19 -4.42 -6.71 -27.58
C LEU A 19 -4.40 -8.23 -27.41
N ASP A 20 -4.36 -8.94 -28.54
CA ASP A 20 -4.25 -10.39 -28.52
C ASP A 20 -2.78 -10.78 -28.43
N PRO A 21 -2.47 -12.07 -28.28
CA PRO A 21 -1.06 -12.45 -28.09
C PRO A 21 -0.14 -12.06 -29.24
N ASP A 22 -0.63 -12.09 -30.49
CA ASP A 22 0.24 -11.75 -31.60
C ASP A 22 0.50 -10.25 -31.65
N ALA A 23 -0.50 -9.45 -31.31
CA ALA A 23 -0.30 -8.00 -31.23
C ALA A 23 0.74 -7.65 -30.17
N TRP A 24 0.67 -8.29 -28.99
CA TRP A 24 1.69 -8.08 -27.97
C TRP A 24 3.08 -8.49 -28.45
N GLU A 25 3.17 -9.60 -29.16
CA GLU A 25 4.49 -10.03 -29.64
C GLU A 25 5.04 -9.02 -30.62
N ARG A 26 4.18 -8.47 -31.48
CA ARG A 26 4.61 -7.45 -32.44
C ARG A 26 5.05 -6.17 -31.72
N LEU A 27 4.25 -5.72 -30.75
CA LEU A 27 4.65 -4.55 -29.96
C LEU A 27 5.99 -4.80 -29.28
N ASN A 28 6.16 -5.99 -28.68
CA ASN A 28 7.39 -6.29 -27.93
C ASN A 28 8.62 -6.28 -28.83
N ALA A 29 8.47 -6.64 -30.11
CA ALA A 29 9.60 -6.64 -31.03
C ALA A 29 9.93 -5.24 -31.57
N ASP A 30 9.04 -4.27 -31.40
CA ASP A 30 9.18 -2.92 -31.96
C ASP A 30 9.72 -1.98 -30.89
N TYR A 31 11.05 -1.85 -30.82
CA TYR A 31 11.63 -1.00 -29.80
C TYR A 31 11.45 0.49 -30.09
N THR A 32 11.05 0.85 -31.30
CA THR A 32 10.70 2.23 -31.60
C THR A 32 9.38 2.59 -30.94
N ALA A 33 8.37 1.72 -31.07
CA ALA A 33 7.12 1.94 -30.33
C ALA A 33 7.38 1.92 -28.83
N ARG A 34 8.32 1.09 -28.37
CA ARG A 34 8.56 0.99 -26.94
C ARG A 34 9.29 2.23 -26.42
N ARG A 35 10.23 2.77 -27.20
CA ARG A 35 10.84 4.04 -26.84
C ARG A 35 9.79 5.14 -26.71
N ARG A 36 8.87 5.21 -27.68
CA ARG A 36 7.81 6.19 -27.62
C ARG A 36 6.97 6.03 -26.36
N ILE A 37 6.67 4.79 -25.97
CA ILE A 37 5.91 4.56 -24.74
C ILE A 37 6.68 5.08 -23.54
N GLY A 38 7.98 4.78 -23.47
CA GLY A 38 8.77 5.26 -22.35
C GLY A 38 8.83 6.78 -22.29
N GLU A 39 9.08 7.43 -23.43
CA GLU A 39 9.09 8.89 -23.47
C GLU A 39 7.77 9.47 -23.01
N ALA A 40 6.65 8.87 -23.42
CA ALA A 40 5.36 9.33 -22.94
C ALA A 40 5.24 9.19 -21.43
N CYS A 41 5.85 8.12 -20.87
CA CYS A 41 5.84 7.93 -19.42
C CYS A 41 6.63 9.01 -18.71
N ARG A 42 7.81 9.35 -19.25
CA ARG A 42 8.63 10.39 -18.65
C ARG A 42 7.92 11.75 -18.70
N ALA A 43 7.21 12.03 -19.80
CA ALA A 43 6.44 13.27 -19.88
C ALA A 43 5.29 13.26 -18.88
N LEU A 44 4.57 12.14 -18.76
CA LEU A 44 3.52 12.06 -17.76
C LEU A 44 4.11 12.30 -16.37
N SER A 45 5.27 11.68 -16.08
CA SER A 45 5.95 11.86 -14.81
C SER A 45 6.25 13.33 -14.54
N ARG A 46 6.78 14.03 -15.54
CA ARG A 46 7.11 15.45 -15.37
C ARG A 46 5.87 16.25 -15.04
N HIS A 47 4.78 16.03 -15.78
CA HIS A 47 3.54 16.74 -15.48
C HIS A 47 3.10 16.45 -14.05
N ALA A 48 3.28 15.20 -13.60
CA ALA A 48 2.74 14.77 -12.32
C ALA A 48 3.54 15.33 -11.15
N PHE A 49 4.87 15.35 -11.26
CA PHE A 49 5.69 15.59 -10.09
C PHE A 49 6.60 16.81 -10.20
N VAL A 50 6.84 17.34 -11.39
CA VAL A 50 7.56 18.61 -11.54
C VAL A 50 6.54 19.74 -11.56
N GLU A 51 5.61 19.69 -12.53
CA GLU A 51 4.51 20.64 -12.55
C GLU A 51 3.56 20.41 -11.40
N GLU A 52 3.49 19.17 -10.91
CA GLU A 52 2.49 18.77 -9.92
C GLU A 52 1.09 19.09 -10.41
N ASP A 53 0.82 18.80 -11.68
CA ASP A 53 -0.55 18.94 -12.18
C ASP A 53 -1.41 17.87 -11.53
N PRO A 54 -2.48 18.24 -10.83
CA PRO A 54 -3.27 17.24 -10.10
C PRO A 54 -3.85 16.16 -10.99
N SER A 55 -4.22 16.50 -12.23
CA SER A 55 -4.84 15.55 -13.15
C SER A 55 -3.83 14.54 -13.65
N ALA A 56 -2.64 15.01 -14.01
CA ALA A 56 -1.56 14.11 -14.44
C ALA A 56 -1.13 13.17 -13.31
N LEU A 57 -1.09 13.68 -12.08
CA LEU A 57 -0.74 12.84 -10.94
C LEU A 57 -1.77 11.71 -10.77
N GLU A 58 -3.06 12.05 -10.83
CA GLU A 58 -4.07 11.00 -10.71
C GLU A 58 -4.00 10.06 -11.90
N GLU A 59 -3.78 10.60 -13.11
CA GLU A 59 -3.61 9.75 -14.29
C GLU A 59 -2.44 8.79 -14.10
N LEU A 60 -1.32 9.29 -13.60
CA LEU A 60 -0.16 8.44 -13.36
C LEU A 60 -0.51 7.30 -12.41
N HIS A 61 -1.24 7.60 -11.33
CA HIS A 61 -1.59 6.55 -10.38
C HIS A 61 -2.71 5.64 -10.91
N ASP A 62 -3.57 6.15 -11.78
CA ASP A 62 -4.51 5.24 -12.44
C ASP A 62 -3.80 4.24 -13.33
N VAL A 63 -2.75 4.69 -14.03
CA VAL A 63 -1.96 3.78 -14.87
C VAL A 63 -1.26 2.72 -14.01
N LEU A 64 -0.54 3.16 -12.96
CA LEU A 64 0.15 2.21 -12.09
C LEU A 64 -0.82 1.22 -11.48
N ALA A 65 -2.00 1.70 -11.05
CA ALA A 65 -2.98 0.81 -10.42
C ALA A 65 -3.45 -0.26 -11.39
N LEU A 66 -3.64 0.10 -12.65
CA LEU A 66 -4.01 -0.88 -13.67
C LEU A 66 -2.93 -1.92 -13.85
N ILE A 67 -1.67 -1.51 -13.89
CA ILE A 67 -0.57 -2.45 -14.04
C ILE A 67 -0.47 -3.37 -12.82
N TYR A 68 -0.57 -2.81 -11.61
CA TYR A 68 -0.45 -3.63 -10.40
C TYR A 68 -1.61 -4.61 -10.30
N GLN A 69 -2.79 -4.20 -10.76
CA GLN A 69 -3.92 -5.12 -10.93
C GLN A 69 -3.52 -6.36 -11.71
N GLN A 70 -2.75 -6.21 -12.79
CA GLN A 70 -2.25 -7.38 -13.53
C GLN A 70 -1.26 -8.17 -12.70
N ASP A 71 -0.43 -7.50 -11.89
CA ASP A 71 0.52 -8.21 -11.05
C ASP A 71 -0.16 -8.99 -9.93
N PHE A 72 -1.28 -8.48 -9.40
CA PHE A 72 -1.85 -9.00 -8.17
C PHE A 72 -3.10 -9.84 -8.38
N SER A 73 -3.75 -9.71 -9.53
CA SER A 73 -5.03 -10.37 -9.76
C SER A 73 -4.83 -11.62 -10.60
N GLY A 74 -5.66 -12.62 -10.36
CA GLY A 74 -5.74 -13.79 -11.21
C GLY A 74 -5.99 -13.39 -12.65
N ALA A 75 -5.18 -13.92 -13.56
CA ALA A 75 -5.25 -13.49 -14.95
C ALA A 75 -6.47 -14.10 -15.63
N PRO A 76 -7.22 -13.33 -16.43
CA PRO A 76 -8.34 -13.91 -17.15
C PRO A 76 -7.87 -14.82 -18.28
N VAL A 77 -8.72 -15.79 -18.62
CA VAL A 77 -8.38 -16.80 -19.60
C VAL A 77 -7.96 -16.18 -20.92
N GLU A 78 -8.55 -15.04 -21.28
CA GLU A 78 -8.22 -14.37 -22.53
C GLU A 78 -6.83 -13.75 -22.52
N LEU A 79 -6.25 -13.48 -21.36
CA LEU A 79 -4.94 -12.85 -21.27
C LEU A 79 -3.79 -13.84 -21.13
N LEU A 80 -4.06 -15.16 -21.09
CA LEU A 80 -3.03 -16.09 -20.65
C LEU A 80 -1.86 -16.15 -21.63
N GLY A 81 -2.10 -15.91 -22.91
CA GLY A 81 -1.04 -15.93 -23.90
C GLY A 81 -0.42 -14.59 -24.22
N CYS A 82 -0.73 -13.53 -23.48
CA CYS A 82 -0.24 -12.19 -23.79
C CYS A 82 1.00 -11.86 -22.96
N GLU A 83 2.14 -11.68 -23.62
CA GLU A 83 3.40 -11.29 -22.97
C GLU A 83 3.41 -9.79 -22.65
N THR A 84 2.88 -9.43 -21.49
CA THR A 84 2.78 -8.01 -21.12
C THR A 84 3.99 -7.48 -20.37
N GLN A 85 4.97 -8.32 -20.02
CA GLN A 85 6.01 -7.82 -19.13
C GLN A 85 6.95 -6.79 -19.77
N PRO A 86 7.42 -6.98 -21.01
CA PRO A 86 8.36 -5.98 -21.57
C PRO A 86 7.82 -4.54 -21.55
N VAL A 87 6.55 -4.35 -21.88
CA VAL A 87 6.01 -2.99 -21.90
C VAL A 87 5.54 -2.56 -20.52
N LEU A 88 4.72 -3.39 -19.86
CA LEU A 88 4.18 -2.98 -18.56
C LEU A 88 5.28 -2.74 -17.52
N ARG A 89 6.36 -3.55 -17.56
CA ARG A 89 7.43 -3.34 -16.58
C ARG A 89 8.24 -2.08 -16.87
N ASP A 90 8.35 -1.72 -18.15
CA ASP A 90 9.01 -0.45 -18.49
C ASP A 90 8.18 0.73 -18.00
N ILE A 91 6.87 0.69 -18.26
CA ILE A 91 5.97 1.74 -17.77
C ILE A 91 6.04 1.84 -16.26
N ALA A 92 5.96 0.68 -15.58
CA ALA A 92 5.98 0.70 -14.12
C ALA A 92 7.30 1.22 -13.59
N ALA A 93 8.41 0.80 -14.20
CA ALA A 93 9.72 1.28 -13.74
C ALA A 93 9.82 2.80 -13.81
N ILE A 94 9.29 3.40 -14.88
CA ILE A 94 9.42 4.84 -15.09
C ILE A 94 8.50 5.59 -14.12
N LEU A 95 7.23 5.22 -14.07
CA LEU A 95 6.33 5.93 -13.17
C LEU A 95 6.67 5.68 -11.70
N GLU A 96 7.10 4.46 -11.36
CA GLU A 96 7.53 4.15 -9.99
C GLU A 96 8.72 5.00 -9.59
N GLY A 97 9.72 5.07 -10.47
CA GLY A 97 10.90 5.85 -10.17
C GLY A 97 10.55 7.28 -9.81
N ALA A 98 9.58 7.86 -10.53
CA ALA A 98 9.13 9.22 -10.27
C ALA A 98 8.35 9.30 -8.95
N VAL A 99 7.46 8.34 -8.69
CA VAL A 99 6.71 8.32 -7.43
C VAL A 99 7.68 8.25 -6.24
N LEU A 100 8.66 7.35 -6.33
CA LEU A 100 9.59 7.17 -5.21
C LEU A 100 10.53 8.35 -5.05
N ALA A 101 11.03 8.91 -6.16
CA ALA A 101 11.84 10.13 -6.04
C ALA A 101 11.06 11.23 -5.32
N ALA A 102 9.76 11.33 -5.57
CA ALA A 102 8.98 12.36 -4.90
C ALA A 102 8.84 12.06 -3.41
N GLU A 103 8.69 10.79 -3.04
CA GLU A 103 8.65 10.45 -1.61
C GLU A 103 9.97 10.81 -0.96
N LEU A 104 11.07 10.51 -1.64
CA LEU A 104 12.39 10.71 -1.05
C LEU A 104 12.70 12.19 -0.92
N ASP A 105 12.12 13.03 -1.79
CA ASP A 105 12.30 14.48 -1.65
C ASP A 105 11.82 14.98 -0.29
N SER A 106 10.88 14.26 0.33
CA SER A 106 10.37 14.63 1.65
C SER A 106 11.15 14.01 2.80
N ILE A 107 12.20 13.25 2.52
CA ILE A 107 12.92 12.51 3.56
C ILE A 107 14.34 13.06 3.63
N SER A 108 14.75 13.53 4.80
CA SER A 108 16.09 14.08 4.93
C SER A 108 17.10 12.99 5.31
N GLU A 109 18.36 13.21 4.93
CA GLU A 109 19.41 12.27 5.30
C GLU A 109 19.51 12.12 6.81
N GLU A 110 19.29 13.21 7.54
CA GLU A 110 19.38 13.14 9.00
C GLU A 110 18.29 12.25 9.58
N GLN A 111 17.12 12.20 8.95
CA GLN A 111 16.06 11.32 9.44
C GLN A 111 16.46 9.84 9.39
N ILE A 112 17.30 9.46 8.44
CA ILE A 112 17.47 8.05 8.12
C ILE A 112 18.89 7.55 8.41
N SER A 113 19.69 8.33 9.14
CA SER A 113 21.08 7.97 9.38
C SER A 113 21.48 7.94 10.85
N ALA A 114 20.68 8.51 11.75
CA ALA A 114 21.04 8.61 13.16
C ALA A 114 20.66 7.36 13.95
N TYR A 115 20.45 6.25 13.27
CA TYR A 115 19.90 5.13 14.01
C TYR A 115 21.01 4.32 14.66
N PRO A 116 20.71 3.66 15.77
CA PRO A 116 21.66 2.71 16.35
C PRO A 116 21.80 1.48 15.46
N ARG A 117 23.02 0.94 15.40
CA ARG A 117 23.35 -0.05 14.39
C ARG A 117 23.26 -1.46 14.95
N SER A 118 22.23 -1.69 15.76
CA SER A 118 21.95 -3.00 16.30
C SER A 118 20.43 -3.13 16.45
N GLY A 119 19.96 -4.37 16.41
CA GLY A 119 18.55 -4.62 16.14
C GLY A 119 17.62 -4.15 17.24
N LYS A 120 17.86 -4.58 18.49
CA LYS A 120 16.95 -4.20 19.56
C LYS A 120 16.95 -2.70 19.75
N GLU A 121 18.13 -2.07 19.71
CA GLU A 121 18.20 -0.62 19.83
C GLU A 121 17.49 0.07 18.66
N TYR A 122 17.68 -0.45 17.43
CA TYR A 122 17.01 0.14 16.27
C TYR A 122 15.49 0.16 16.45
N VAL A 123 14.92 -0.91 17.01
CA VAL A 123 13.48 -0.96 17.23
C VAL A 123 13.01 0.18 18.14
N HIS A 124 13.73 0.42 19.25
CA HIS A 124 13.36 1.54 20.12
C HIS A 124 13.45 2.85 19.37
N TRP A 125 14.51 3.03 18.59
CA TRP A 125 14.68 4.25 17.81
C TRP A 125 13.53 4.42 16.81
N LEU A 126 13.22 3.37 16.06
CA LEU A 126 12.16 3.46 15.06
C LEU A 126 10.83 3.80 15.70
N LYS A 127 10.49 3.14 16.83
CA LYS A 127 9.22 3.42 17.49
C LYS A 127 9.13 4.88 17.89
N ARG A 128 10.24 5.44 18.34
CA ARG A 128 10.28 6.86 18.67
C ARG A 128 10.10 7.71 17.41
N VAL A 129 10.84 7.40 16.36
CA VAL A 129 10.69 8.13 15.08
C VAL A 129 9.23 8.07 14.60
N ILE A 130 8.60 6.90 14.69
CA ILE A 130 7.19 6.81 14.32
C ILE A 130 6.33 7.71 15.20
N GLY A 131 6.57 7.67 16.51
CA GLY A 131 5.79 8.44 17.46
C GLY A 131 5.86 9.93 17.23
N GLU A 132 6.94 10.43 16.63
CA GLU A 132 7.08 11.84 16.32
C GLU A 132 6.29 12.24 15.08
N HIS A 133 5.92 11.32 14.26
CA HIS A 133 5.23 11.69 13.02
C HIS A 133 3.74 11.92 13.31
N PRO A 134 3.15 12.98 12.75
CA PRO A 134 1.70 13.21 12.96
C PRO A 134 0.82 12.07 12.48
N ALA A 135 1.24 11.30 11.47
CA ALA A 135 0.39 10.19 11.06
C ALA A 135 0.19 9.17 12.18
N ALA A 136 1.10 9.09 13.15
CA ALA A 136 0.95 8.14 14.24
C ALA A 136 -0.19 8.50 15.18
N GLY A 137 -0.67 9.74 15.16
CA GLY A 137 -1.85 10.10 15.94
C GLY A 137 -2.72 11.06 15.16
N HIS A 138 -3.13 10.66 13.97
CA HIS A 138 -3.79 11.60 13.08
C HIS A 138 -5.19 11.94 13.58
N PRO A 139 -5.60 13.21 13.48
CA PRO A 139 -6.93 13.60 13.95
C PRO A 139 -8.10 12.92 13.26
N PHE A 140 -7.93 12.35 12.05
CA PHE A 140 -9.04 11.58 11.49
C PHE A 140 -9.46 10.48 12.44
N TYR A 141 -8.49 9.75 12.99
CA TYR A 141 -8.80 8.68 13.92
C TYR A 141 -9.04 9.22 15.34
N ARG A 142 -8.25 10.21 15.76
CA ARG A 142 -8.30 10.66 17.14
C ARG A 142 -9.44 11.63 17.43
N ASP A 143 -9.83 12.46 16.47
CA ASP A 143 -10.84 13.47 16.72
C ASP A 143 -12.10 13.26 15.90
N PHE A 144 -11.96 13.08 14.58
CA PHE A 144 -13.13 12.99 13.71
C PHE A 144 -13.95 11.73 13.99
N VAL A 145 -13.27 10.58 14.02
CA VAL A 145 -13.99 9.31 14.19
C VAL A 145 -14.74 9.25 15.52
N PRO A 146 -14.11 9.47 16.69
CA PRO A 146 -14.85 9.30 17.93
C PRO A 146 -16.05 10.24 18.06
N THR A 147 -15.99 11.45 17.47
CA THR A 147 -16.98 12.48 17.77
C THR A 147 -17.98 12.77 16.66
N ARG A 148 -17.66 12.49 15.39
CA ARG A 148 -18.51 12.95 14.28
C ARG A 148 -18.80 11.90 13.21
N ALA A 149 -18.03 10.83 13.12
CA ALA A 149 -18.15 9.94 11.96
C ALA A 149 -19.54 9.33 11.89
N THR A 150 -20.16 9.42 10.71
CA THR A 150 -21.45 8.80 10.43
C THR A 150 -21.25 7.61 9.50
N GLU A 151 -22.34 6.86 9.31
CA GLU A 151 -22.34 5.76 8.36
C GLU A 151 -21.83 6.20 6.99
N GLY A 152 -22.32 7.33 6.50
CA GLY A 152 -21.84 7.83 5.23
C GLY A 152 -20.34 8.15 5.25
N ASP A 153 -19.85 8.65 6.39
CA ASP A 153 -18.41 8.86 6.54
C ASP A 153 -17.65 7.55 6.46
N PHE A 154 -18.07 6.55 7.24
CA PHE A 154 -17.39 5.25 7.24
C PHE A 154 -17.45 4.59 5.88
N ARG A 155 -18.54 4.79 5.14
CA ARG A 155 -18.61 4.19 3.82
C ARG A 155 -17.59 4.83 2.88
N PHE A 156 -17.41 6.14 2.98
CA PHE A 156 -16.41 6.83 2.16
C PHE A 156 -15.00 6.41 2.57
N TYR A 157 -14.77 6.32 3.89
CA TYR A 157 -13.49 5.88 4.42
C TYR A 157 -13.14 4.48 3.96
N LEU A 158 -14.09 3.54 4.09
CA LEU A 158 -13.82 2.15 3.70
C LEU A 158 -13.48 2.06 2.23
N ALA A 159 -14.09 2.91 1.40
CA ALA A 159 -13.77 2.94 -0.01
C ALA A 159 -12.29 3.28 -0.22
N GLN A 160 -11.77 4.23 0.56
CA GLN A 160 -10.35 4.54 0.44
C GLN A 160 -9.50 3.35 0.86
N GLU A 161 -9.93 2.65 1.92
CA GLU A 161 -9.15 1.54 2.48
C GLU A 161 -9.09 0.33 1.56
N THR A 162 -9.93 0.25 0.52
CA THR A 162 -9.76 -0.80 -0.47
C THR A 162 -8.41 -0.71 -1.18
N ASN A 163 -7.65 0.38 -0.99
CA ASN A 163 -6.34 0.50 -1.62
C ASN A 163 -5.33 -0.51 -1.08
N LEU A 164 -5.52 -1.01 0.14
CA LEU A 164 -4.49 -1.82 0.80
C LEU A 164 -5.04 -3.14 1.36
N ASP A 165 -5.97 -3.06 2.32
CA ASP A 165 -6.50 -4.24 2.99
C ASP A 165 -6.93 -5.38 2.06
N PRO A 166 -7.61 -5.16 0.93
CA PRO A 166 -8.01 -6.30 0.09
C PRO A 166 -6.85 -7.14 -0.47
N LYS A 167 -5.58 -6.70 -0.34
CA LYS A 167 -4.46 -7.43 -0.91
C LYS A 167 -3.34 -7.64 0.11
N PHE A 168 -3.63 -7.52 1.40
CA PHE A 168 -2.56 -7.60 2.38
C PHE A 168 -1.89 -8.96 2.40
N ASP A 169 -2.66 -10.04 2.22
CA ASP A 169 -2.05 -11.36 2.21
C ASP A 169 -1.01 -11.50 1.08
N ASP A 170 -1.31 -10.99 -0.10
CA ASP A 170 -0.37 -11.12 -1.21
C ASP A 170 0.80 -10.17 -1.11
N ILE A 171 0.61 -9.01 -0.48
CA ILE A 171 1.74 -8.14 -0.16
C ILE A 171 2.75 -8.89 0.71
N LEU A 172 2.25 -9.65 1.70
CA LEU A 172 3.15 -10.41 2.57
C LEU A 172 3.81 -11.53 1.79
N ALA A 173 3.05 -12.17 0.87
CA ALA A 173 3.62 -13.28 0.12
C ALA A 173 4.73 -12.81 -0.81
N PHE A 174 4.52 -11.67 -1.48
CA PHE A 174 5.59 -11.07 -2.28
C PHE A 174 6.79 -10.74 -1.41
N MET A 175 6.55 -10.05 -0.28
CA MET A 175 7.63 -9.55 0.57
C MET A 175 8.58 -10.65 0.99
N GLN A 176 8.03 -11.79 1.43
CA GLN A 176 8.87 -12.81 2.06
C GLN A 176 9.71 -13.58 1.08
N ILE A 177 9.50 -13.41 -0.23
CA ILE A 177 10.31 -14.10 -1.25
C ILE A 177 11.78 -13.83 -1.00
N GLY A 178 12.57 -14.89 -0.82
CA GLY A 178 13.98 -14.73 -0.62
C GLY A 178 14.41 -14.25 0.75
N ALA A 179 13.47 -14.01 1.67
CA ALA A 179 13.83 -13.44 2.97
C ALA A 179 14.68 -14.42 3.78
N ALA A 180 15.60 -13.86 4.59
CA ALA A 180 16.38 -14.66 5.54
C ALA A 180 15.44 -15.40 6.51
N PRO A 181 15.92 -16.46 7.16
CA PRO A 181 15.00 -17.39 7.86
C PRO A 181 14.13 -16.77 8.95
N ASP A 182 14.72 -16.02 9.90
CA ASP A 182 13.92 -15.42 10.97
C ASP A 182 12.87 -14.48 10.41
N GLU A 183 13.28 -13.60 9.48
CA GLU A 183 12.35 -12.68 8.87
C GLU A 183 11.26 -13.44 8.11
N LYS A 184 11.68 -14.45 7.32
CA LYS A 184 10.72 -15.24 6.56
C LYS A 184 9.71 -15.93 7.47
N MET A 185 10.19 -16.52 8.57
CA MET A 185 9.28 -17.25 9.46
C MET A 185 8.20 -16.32 10.00
N GLU A 186 8.60 -15.11 10.41
CA GLU A 186 7.63 -14.15 10.95
C GLU A 186 6.64 -13.70 9.88
N ILE A 187 7.12 -13.37 8.68
CA ILE A 187 6.18 -12.96 7.63
C ILE A 187 5.27 -14.12 7.27
N ALA A 188 5.82 -15.33 7.25
CA ALA A 188 5.01 -16.51 6.94
C ALA A 188 3.88 -16.70 7.95
N GLY A 189 4.19 -16.59 9.25
CA GLY A 189 3.14 -16.72 10.25
C GLY A 189 2.11 -15.62 10.15
N ASN A 190 2.56 -14.41 9.80
CA ASN A 190 1.64 -13.30 9.58
C ASN A 190 0.72 -13.60 8.39
N TYR A 191 1.31 -14.00 7.25
CA TYR A 191 0.50 -14.45 6.12
C TYR A 191 -0.49 -15.55 6.52
N TRP A 192 -0.03 -16.54 7.29
CA TRP A 192 -0.94 -17.63 7.65
C TRP A 192 -2.10 -17.11 8.50
N ASP A 193 -1.83 -16.12 9.38
CA ASP A 193 -2.93 -15.45 10.09
C ASP A 193 -3.88 -14.75 9.12
N GLU A 194 -3.34 -14.07 8.09
CA GLU A 194 -4.23 -13.41 7.13
C GLU A 194 -5.12 -14.43 6.42
N MET A 195 -4.63 -15.65 6.29
CA MET A 195 -5.34 -16.75 5.65
C MET A 195 -6.22 -17.50 6.66
N GLY A 196 -6.60 -16.83 7.76
CA GLY A 196 -7.50 -17.42 8.74
C GLY A 196 -6.95 -18.63 9.44
N ASN A 197 -5.63 -18.83 9.41
CA ASN A 197 -4.98 -20.05 9.91
C ASN A 197 -5.62 -21.31 9.30
N GLY A 198 -6.11 -21.20 8.07
CA GLY A 198 -6.72 -22.34 7.40
C GLY A 198 -8.22 -22.40 7.47
N LYS A 199 -8.87 -21.45 8.13
CA LYS A 199 -10.32 -21.45 8.26
C LYS A 199 -10.89 -20.39 7.34
N PRO A 200 -11.62 -20.77 6.29
CA PRO A 200 -12.05 -19.78 5.29
C PRO A 200 -12.86 -18.63 5.86
N ALA A 201 -13.62 -18.84 6.94
CA ALA A 201 -14.43 -17.78 7.50
C ALA A 201 -13.60 -16.72 8.18
N GLU A 202 -12.38 -17.07 8.61
CA GLU A 202 -11.48 -16.15 9.28
C GLU A 202 -10.44 -15.51 8.35
N VAL A 203 -10.51 -15.77 7.03
CA VAL A 203 -9.59 -15.13 6.09
C VAL A 203 -9.84 -13.62 6.09
N HIS A 204 -8.77 -12.83 6.18
CA HIS A 204 -8.95 -11.40 6.43
C HIS A 204 -9.57 -10.67 5.25
N THR A 205 -9.21 -11.03 4.02
CA THR A 205 -9.85 -10.37 2.88
C THR A 205 -11.36 -10.64 2.86
N ALA A 206 -11.76 -11.85 3.23
CA ALA A 206 -13.18 -12.17 3.30
C ALA A 206 -13.88 -11.32 4.36
N MET A 207 -13.30 -11.22 5.56
CA MET A 207 -13.91 -10.36 6.55
C MET A 207 -13.89 -8.89 6.15
N PHE A 208 -12.87 -8.41 5.45
CA PHE A 208 -12.92 -7.01 4.99
C PHE A 208 -14.05 -6.82 4.00
N ALA A 209 -14.22 -7.77 3.08
CA ALA A 209 -15.31 -7.68 2.11
C ALA A 209 -16.68 -7.64 2.79
N HIS A 210 -16.84 -8.33 3.93
CA HIS A 210 -18.13 -8.30 4.62
C HIS A 210 -18.38 -6.92 5.21
N ALA A 211 -17.36 -6.27 5.75
CA ALA A 211 -17.51 -4.90 6.20
C ALA A 211 -17.88 -3.97 5.05
N LEU A 212 -17.31 -4.21 3.87
CA LEU A 212 -17.66 -3.39 2.71
C LEU A 212 -19.12 -3.59 2.33
N ASP A 213 -19.60 -4.84 2.34
CA ASP A 213 -20.99 -5.12 2.02
C ASP A 213 -21.93 -4.48 3.04
N ALA A 214 -21.56 -4.51 4.31
CA ALA A 214 -22.41 -3.96 5.36
C ALA A 214 -22.70 -2.48 5.16
N LEU A 215 -21.82 -1.73 4.49
CA LEU A 215 -22.07 -0.33 4.21
C LEU A 215 -22.28 -0.05 2.73
N ASP A 216 -22.48 -1.08 1.92
CA ASP A 216 -22.70 -0.90 0.49
C ASP A 216 -21.54 -0.15 -0.17
N VAL A 217 -20.32 -0.53 0.19
CA VAL A 217 -19.13 -0.01 -0.48
C VAL A 217 -18.92 -0.82 -1.75
N ASN A 218 -19.80 -0.63 -2.72
CA ASN A 218 -19.76 -1.41 -3.96
C ASN A 218 -18.70 -0.87 -4.91
N ASP A 219 -18.47 -1.64 -5.98
CA ASP A 219 -17.35 -1.35 -6.87
C ASP A 219 -17.51 -0.01 -7.57
N ASP A 220 -18.75 0.39 -7.85
CA ASP A 220 -18.98 1.65 -8.54
C ASP A 220 -18.84 2.83 -7.58
N TYR A 221 -19.30 2.66 -6.34
CA TYR A 221 -19.04 3.67 -5.32
C TYR A 221 -17.53 3.89 -5.15
N ILE A 222 -16.76 2.80 -5.08
CA ILE A 222 -15.32 2.91 -4.92
C ILE A 222 -14.72 3.66 -6.10
N ARG A 223 -15.08 3.26 -7.31
CA ARG A 223 -14.51 3.87 -8.51
C ARG A 223 -14.75 5.38 -8.53
N ARG A 224 -15.94 5.82 -8.11
CA ARG A 224 -16.24 7.25 -8.13
C ARG A 224 -15.58 8.00 -6.97
N ASN A 225 -15.34 7.35 -5.85
CA ASN A 225 -14.99 8.07 -4.63
C ASN A 225 -13.54 7.89 -4.20
N LEU A 226 -12.83 6.92 -4.76
CA LEU A 226 -11.43 6.70 -4.44
C LEU A 226 -10.62 7.98 -4.67
N LEU A 227 -9.94 8.43 -3.64
CA LEU A 227 -9.17 9.66 -3.70
C LEU A 227 -7.80 9.42 -4.37
N PRO A 228 -7.22 10.46 -5.00
CA PRO A 228 -5.89 10.26 -5.59
C PRO A 228 -4.85 9.83 -4.57
N GLU A 229 -4.90 10.34 -3.34
CA GLU A 229 -3.90 9.92 -2.37
CA GLU A 229 -3.95 9.95 -2.31
C GLU A 229 -4.17 8.50 -1.86
N ALA A 230 -5.43 8.05 -1.87
CA ALA A 230 -5.69 6.65 -1.60
C ALA A 230 -5.07 5.77 -2.69
N LYS A 231 -5.18 6.21 -3.95
CA LYS A 231 -4.56 5.46 -5.04
C LYS A 231 -3.05 5.40 -4.87
N ALA A 232 -2.44 6.53 -4.51
CA ALA A 232 -0.99 6.58 -4.30
C ALA A 232 -0.57 5.69 -3.13
N SER A 233 -1.35 5.69 -2.04
CA SER A 233 -1.04 4.76 -0.95
C SER A 233 -1.05 3.32 -1.43
N GLY A 234 -2.11 2.92 -2.12
CA GLY A 234 -2.18 1.54 -2.61
C GLY A 234 -1.03 1.21 -3.54
N ASN A 235 -0.67 2.17 -4.40
CA ASN A 235 0.39 1.97 -5.39
C ASN A 235 1.76 1.87 -4.72
N LEU A 236 1.99 2.66 -3.67
CA LEU A 236 3.25 2.58 -2.94
C LEU A 236 3.43 1.18 -2.35
N ALA A 237 2.38 0.68 -1.69
CA ALA A 237 2.41 -0.64 -1.08
C ALA A 237 2.71 -1.71 -2.12
N SER A 238 2.05 -1.63 -3.28
CA SER A 238 2.32 -2.57 -4.36
C SER A 238 3.75 -2.45 -4.86
N CYS A 239 4.19 -1.21 -5.11
CA CYS A 239 5.52 -0.96 -5.66
C CYS A 239 6.61 -1.61 -4.80
N LEU A 240 6.53 -1.40 -3.49
CA LEU A 240 7.57 -1.87 -2.57
C LEU A 240 7.54 -3.37 -2.40
N ALA A 241 6.34 -3.97 -2.41
CA ALA A 241 6.23 -5.40 -2.11
C ALA A 241 6.79 -6.25 -3.24
N ILE A 242 6.59 -5.83 -4.50
CA ILE A 242 6.81 -6.73 -5.64
C ILE A 242 8.24 -6.73 -6.17
N SER A 243 9.11 -5.86 -5.69
CA SER A 243 10.52 -5.89 -6.09
C SER A 243 11.38 -6.34 -4.92
N ARG A 244 12.24 -7.33 -5.16
CA ARG A 244 13.19 -7.76 -4.14
C ARG A 244 14.01 -6.59 -3.59
N ARG A 245 14.40 -5.66 -4.46
CA ARG A 245 15.31 -4.61 -4.01
C ARG A 245 14.61 -3.64 -3.05
N HIS A 246 13.28 -3.60 -3.06
CA HIS A 246 12.52 -2.73 -2.16
C HIS A 246 12.15 -3.45 -0.85
N TYR A 247 12.69 -4.64 -0.64
CA TYR A 247 12.30 -5.45 0.51
C TYR A 247 12.51 -4.70 1.82
N TYR A 248 13.67 -4.06 2.00
CA TYR A 248 13.92 -3.42 3.29
C TYR A 248 13.06 -2.16 3.46
N LYS A 249 12.79 -1.42 2.39
CA LYS A 249 11.75 -0.41 2.46
C LYS A 249 10.41 -1.02 2.89
N SER A 250 10.04 -2.15 2.27
CA SER A 250 8.81 -2.84 2.60
C SER A 250 8.75 -3.18 4.09
N VAL A 251 9.87 -3.64 4.63
CA VAL A 251 9.94 -3.99 6.04
C VAL A 251 9.56 -2.78 6.90
N GLY A 252 10.06 -1.60 6.57
CA GLY A 252 9.68 -0.42 7.32
C GLY A 252 8.25 0.00 7.05
N PHE A 253 7.82 -0.10 5.78
CA PHE A 253 6.50 0.39 5.39
C PHE A 253 5.40 -0.44 6.07
N PHE A 254 5.51 -1.76 6.02
CA PHE A 254 4.49 -2.59 6.63
C PHE A 254 4.73 -2.80 8.12
N GLY A 255 5.95 -2.58 8.60
CA GLY A 255 6.17 -2.51 10.03
C GLY A 255 5.39 -1.39 10.68
N VAL A 256 5.44 -0.19 10.08
CA VAL A 256 4.63 0.92 10.56
C VAL A 256 3.15 0.57 10.47
N THR A 257 2.75 -0.10 9.39
CA THR A 257 1.35 -0.44 9.19
C THR A 257 0.81 -1.29 10.33
N GLU A 258 1.50 -2.39 10.66
CA GLU A 258 1.06 -3.26 11.76
C GLU A 258 1.06 -2.51 13.08
N TYR A 259 2.06 -1.69 13.30
CA TYR A 259 2.20 -0.98 14.56
C TYR A 259 1.02 -0.05 14.82
N LEU A 260 0.52 0.63 13.79
CA LEU A 260 -0.51 1.65 13.95
C LEU A 260 -1.93 1.09 13.95
N VAL A 261 -2.15 -0.14 13.48
CA VAL A 261 -3.53 -0.64 13.32
C VAL A 261 -4.32 -0.65 14.64
N PRO A 262 -3.77 -1.14 15.77
CA PRO A 262 -4.63 -1.28 16.96
C PRO A 262 -5.23 0.03 17.47
N ARG A 263 -4.42 1.08 17.61
CA ARG A 263 -4.96 2.37 18.04
C ARG A 263 -5.98 2.88 17.03
N ARG A 264 -5.72 2.71 15.73
CA ARG A 264 -6.63 3.23 14.72
C ARG A 264 -7.94 2.46 14.70
N PHE A 265 -7.86 1.13 14.74
CA PHE A 265 -9.06 0.32 14.61
C PHE A 265 -9.91 0.36 15.87
N LYS A 266 -9.28 0.53 17.04
CA LYS A 266 -10.06 0.66 18.27
C LYS A 266 -10.96 1.88 18.21
N LEU A 267 -10.44 3.00 17.71
CA LEU A 267 -11.28 4.18 17.55
C LEU A 267 -12.41 3.94 16.55
N VAL A 268 -12.10 3.28 15.43
CA VAL A 268 -13.15 3.00 14.45
C VAL A 268 -14.20 2.07 15.03
N VAL A 269 -13.77 1.05 15.78
CA VAL A 269 -14.69 0.04 16.28
C VAL A 269 -15.62 0.64 17.33
N ASP A 270 -15.07 1.41 18.26
CA ASP A 270 -15.89 2.00 19.30
C ASP A 270 -16.95 2.92 18.70
N ARG A 271 -16.57 3.74 17.74
CA ARG A 271 -17.54 4.63 17.10
C ARG A 271 -18.57 3.84 16.30
N TRP A 272 -18.12 2.87 15.51
CA TRP A 272 -19.01 1.98 14.76
C TRP A 272 -20.09 1.37 15.66
N ALA A 273 -19.69 0.89 16.84
CA ALA A 273 -20.68 0.34 17.77
C ALA A 273 -21.54 1.43 18.37
N ASP A 274 -20.97 2.62 18.63
CA ASP A 274 -21.71 3.71 19.23
C ASP A 274 -22.87 4.17 18.36
N ILE A 275 -22.71 4.15 17.04
CA ILE A 275 -23.75 4.60 16.14
C ILE A 275 -24.54 3.41 15.57
N GLY A 276 -24.43 2.25 16.21
CA GLY A 276 -25.28 1.11 15.90
C GLY A 276 -25.08 0.45 14.55
N LEU A 277 -23.93 0.61 13.92
CA LEU A 277 -23.70 0.01 12.61
C LEU A 277 -23.63 -1.51 12.73
N PRO A 278 -23.78 -2.24 11.59
CA PRO A 278 -23.86 -3.71 11.64
C PRO A 278 -22.71 -4.36 12.39
N ARG A 279 -23.02 -4.99 13.54
CA ARG A 279 -22.01 -5.76 14.28
C ARG A 279 -21.26 -6.74 13.38
N GLU A 280 -21.90 -7.21 12.31
CA GLU A 280 -21.20 -8.09 11.38
C GLU A 280 -19.96 -7.42 10.81
N GLY A 281 -20.08 -6.16 10.41
CA GLY A 281 -18.98 -5.48 9.75
C GLY A 281 -17.79 -5.20 10.64
N ILE A 282 -18.03 -4.92 11.93
CA ILE A 282 -16.94 -4.58 12.82
C ILE A 282 -16.00 -5.76 13.07
N ALA A 283 -16.43 -6.99 12.78
CA ALA A 283 -15.63 -8.18 13.07
C ALA A 283 -14.22 -8.06 12.49
N TYR A 284 -14.11 -7.52 11.27
CA TYR A 284 -12.80 -7.31 10.67
C TYR A 284 -11.92 -6.44 11.56
N HIS A 285 -12.40 -5.24 11.87
CA HIS A 285 -11.62 -4.30 12.67
C HIS A 285 -11.46 -4.80 14.09
N ASP A 286 -12.52 -5.40 14.63
CA ASP A 286 -12.47 -5.97 15.97
C ASP A 286 -11.33 -6.94 16.11
N ALA A 287 -11.24 -7.90 15.18
CA ALA A 287 -10.17 -8.89 15.18
C ALA A 287 -8.79 -8.25 15.23
N HIS A 288 -8.51 -7.31 14.31
CA HIS A 288 -7.16 -6.79 14.16
C HIS A 288 -6.63 -6.07 15.39
N ILE A 289 -7.51 -5.57 16.26
CA ILE A 289 -7.02 -4.80 17.41
C ILE A 289 -6.10 -5.66 18.26
N SER A 290 -6.50 -6.91 18.50
CA SER A 290 -5.66 -7.86 19.24
C SER A 290 -4.56 -8.43 18.35
N ILE A 291 -4.93 -8.89 17.15
CA ILE A 291 -3.98 -9.60 16.30
C ILE A 291 -2.78 -8.70 15.98
N ASP A 292 -3.02 -7.43 15.64
CA ASP A 292 -1.92 -6.61 15.16
C ASP A 292 -1.04 -6.06 16.27
N ALA A 293 -1.47 -6.12 17.53
CA ALA A 293 -0.52 -5.94 18.62
C ALA A 293 0.52 -7.05 18.61
N VAL A 294 0.08 -8.28 18.35
CA VAL A 294 1.01 -9.40 18.23
C VAL A 294 1.81 -9.29 16.93
N HIS A 295 1.15 -8.90 15.84
CA HIS A 295 1.86 -8.79 14.57
C HIS A 295 2.94 -7.71 14.64
N ALA A 296 2.63 -6.56 15.26
CA ALA A 296 3.62 -5.49 15.37
C ALA A 296 4.80 -5.92 16.22
N SER A 297 4.51 -6.55 17.36
CA SER A 297 5.59 -7.03 18.22
CA SER A 297 5.59 -7.03 18.22
C SER A 297 6.46 -8.05 17.49
N GLY A 298 5.83 -9.01 16.81
CA GLY A 298 6.61 -9.99 16.06
C GLY A 298 7.40 -9.36 14.93
N TRP A 299 6.82 -8.36 14.27
CA TRP A 299 7.51 -7.72 13.14
C TRP A 299 8.77 -6.98 13.60
N PHE A 300 8.67 -6.22 14.69
CA PHE A 300 9.85 -5.53 15.22
C PHE A 300 10.89 -6.53 15.67
N LYS A 301 10.46 -7.54 16.43
CA LYS A 301 11.40 -8.45 17.08
C LYS A 301 12.03 -9.42 16.07
N ASN A 302 11.26 -9.87 15.06
CA ASN A 302 11.69 -10.99 14.23
C ASN A 302 11.93 -10.63 12.77
N VAL A 303 11.50 -9.46 12.32
CA VAL A 303 11.82 -8.96 10.99
C VAL A 303 12.84 -7.81 11.06
N ILE A 304 12.48 -6.72 11.76
CA ILE A 304 13.32 -5.53 11.74
C ILE A 304 14.63 -5.77 12.49
N ALA A 305 14.55 -6.23 13.75
CA ALA A 305 15.78 -6.38 14.55
C ALA A 305 16.77 -7.37 13.93
N PRO A 306 16.36 -8.58 13.49
CA PRO A 306 17.33 -9.47 12.83
C PRO A 306 17.93 -8.91 11.54
N ALA A 307 17.13 -8.21 10.72
CA ALA A 307 17.68 -7.62 9.49
C ALA A 307 18.77 -6.60 9.82
N VAL A 308 18.53 -5.77 10.84
CA VAL A 308 19.52 -4.77 11.21
C VAL A 308 20.75 -5.44 11.83
N ASP A 309 20.53 -6.46 12.68
CA ASP A 309 21.69 -7.16 13.25
C ASP A 309 22.49 -7.87 12.18
N ARG A 310 21.82 -8.35 11.11
CA ARG A 310 22.54 -9.03 10.03
C ARG A 310 23.38 -8.05 9.22
N ASP A 311 22.83 -6.89 8.90
CA ASP A 311 23.54 -5.88 8.13
C ASP A 311 22.98 -4.51 8.51
N PRO A 312 23.64 -3.81 9.43
CA PRO A 312 23.09 -2.53 9.92
C PRO A 312 22.84 -1.50 8.81
N ARG A 313 23.47 -1.67 7.65
CA ARG A 313 23.22 -0.76 6.54
C ARG A 313 21.74 -0.73 6.15
N VAL A 314 21.02 -1.84 6.34
CA VAL A 314 19.61 -1.84 5.95
C VAL A 314 18.74 -1.03 6.90
N GLY A 315 19.25 -0.59 8.05
CA GLY A 315 18.47 0.31 8.91
C GLY A 315 18.04 1.57 8.18
N ARG A 316 18.86 2.05 7.25
CA ARG A 316 18.52 3.23 6.47
C ARG A 316 17.35 2.95 5.51
N GLU A 317 17.37 1.81 4.82
CA GLU A 317 16.24 1.43 3.96
C GLU A 317 14.96 1.25 4.76
N ILE A 318 15.04 0.55 5.89
CA ILE A 318 13.84 0.34 6.71
C ILE A 318 13.28 1.69 7.16
N ALA A 319 14.16 2.64 7.51
CA ALA A 319 13.70 3.97 7.92
C ALA A 319 13.05 4.71 6.77
N VAL A 320 13.62 4.62 5.56
CA VAL A 320 12.99 5.25 4.40
C VAL A 320 11.58 4.69 4.18
N GLY A 321 11.45 3.36 4.25
CA GLY A 321 10.14 2.76 4.00
C GLY A 321 9.13 3.13 5.07
N ALA A 322 9.57 3.20 6.34
CA ALA A 322 8.69 3.66 7.40
C ALA A 322 8.20 5.09 7.14
N LEU A 323 9.12 5.98 6.78
CA LEU A 323 8.73 7.37 6.53
C LEU A 323 7.86 7.49 5.27
N ILE A 324 8.13 6.69 4.24
CA ILE A 324 7.25 6.66 3.08
C ILE A 324 5.83 6.30 3.52
N ARG A 325 5.71 5.28 4.39
CA ARG A 325 4.40 4.90 4.91
C ARG A 325 3.77 6.05 5.68
N LEU A 326 4.54 6.68 6.57
CA LEU A 326 3.98 7.73 7.40
C LEU A 326 3.58 8.95 6.58
N ASN A 327 4.45 9.38 5.65
CA ASN A 327 4.17 10.54 4.83
C ASN A 327 2.97 10.30 3.92
N SER A 328 2.94 9.15 3.24
CA SER A 328 1.81 8.89 2.35
C SER A 328 0.53 8.69 3.14
N SER A 329 0.60 8.08 4.32
CA SER A 329 -0.58 8.01 5.19
C SER A 329 -1.06 9.40 5.59
N GLN A 330 -0.13 10.30 5.94
CA GLN A 330 -0.52 11.66 6.32
C GLN A 330 -1.26 12.36 5.18
N ARG A 331 -0.71 12.32 3.96
CA ARG A 331 -1.36 12.96 2.82
C ARG A 331 -2.73 12.35 2.57
N TYR A 332 -2.83 11.03 2.69
CA TYR A 332 -4.09 10.34 2.49
C TYR A 332 -5.12 10.72 3.56
N LEU A 333 -4.72 10.70 4.84
CA LEU A 333 -5.69 11.06 5.88
C LEU A 333 -6.03 12.56 5.87
N ASP A 334 -5.08 13.42 5.49
CA ASP A 334 -5.41 14.85 5.42
C ASP A 334 -6.42 15.10 4.30
N SER A 335 -6.19 14.49 3.15
CA SER A 335 -7.14 14.59 2.05
C SER A 335 -8.48 13.97 2.42
N LEU A 336 -8.45 12.86 3.14
CA LEU A 336 -9.70 12.19 3.55
C LEU A 336 -10.52 13.09 4.47
N LEU A 337 -9.88 13.60 5.51
CA LEU A 337 -10.55 14.46 6.46
C LEU A 337 -11.06 15.74 5.81
N MET A 338 -10.31 16.26 4.84
CA MET A 338 -10.71 17.47 4.14
C MET A 338 -11.96 17.25 3.29
N HIS A 339 -12.07 16.09 2.63
CA HIS A 339 -13.28 15.77 1.85
C HIS A 339 -14.48 15.51 2.76
N LEU A 340 -14.28 14.92 3.93
CA LEU A 340 -15.38 14.71 4.87
C LEU A 340 -15.81 15.98 5.58
N HIS A 341 -15.19 17.12 5.25
CA HIS A 341 -15.47 18.43 5.86
C HIS A 341 -15.03 18.49 7.30
#